data_3R7C
#
_entry.id   3R7C
#
_cell.length_a   99.688
_cell.length_b   99.688
_cell.length_c   113.610
_cell.angle_alpha   90.00
_cell.angle_beta   90.00
_cell.angle_gamma   90.00
#
_symmetry.space_group_name_H-M   'I 41'
#
loop_
_entity.id
_entity.type
_entity.pdbx_description
1 polymer 'FAD-linked sulfhydryl oxidase ALR'
2 non-polymer 'FLAVIN-ADENINE DINUCLEOTIDE'
3 non-polymer 'CHLORIDE ION'
4 non-polymer 'CADMIUM ION'
5 non-polymer 'SULFATE ION'
6 water water
#
_entity_poly.entity_id   1
_entity_poly.type   'polypeptide(L)'
_entity_poly.pdbx_seq_one_letter_code
;MGGSHHHHHHGMASMRTQQKRDIKFREDCPQDREELGRNTWAFLHTLAAYYPDMPTPEQQQDMAQFIHIFSKFYPCEECA
EDIRKRIDRSQPDTSTRVSFSQWLCRLHNEVNRKLGKPDFDCSRVDERWRDGWKDGSCD
;
_entity_poly.pdbx_strand_id   A,B,C,D
#
# COMPACT_ATOMS: atom_id res chain seq x y z
N ASP A 28 0.66 23.45 25.12
CA ASP A 28 0.56 22.02 25.42
C ASP A 28 -0.84 21.45 25.15
N CYS A 29 -1.43 21.88 24.04
CA CYS A 29 -2.69 21.30 23.58
C CYS A 29 -2.46 20.33 22.43
N PRO A 30 -3.48 19.51 22.13
CA PRO A 30 -3.38 18.58 21.00
C PRO A 30 -2.93 19.29 19.74
N GLN A 31 -2.23 18.57 18.89
CA GLN A 31 -1.77 19.11 17.62
C GLN A 31 -2.93 19.33 16.64
N ASP A 32 -3.04 20.53 16.08
CA ASP A 32 -3.97 20.69 14.99
C ASP A 32 -3.25 20.26 13.72
N ARG A 33 -3.94 20.26 12.59
CA ARG A 33 -3.38 19.79 11.32
C ARG A 33 -2.07 20.49 10.97
N GLU A 34 -2.03 21.80 11.15
CA GLU A 34 -0.85 22.58 10.84
C GLU A 34 0.35 22.19 11.72
N GLU A 35 0.10 22.02 13.02
CA GLU A 35 1.19 21.75 13.96
C GLU A 35 1.74 20.33 13.77
N LEU A 36 0.84 19.36 13.67
CA LEU A 36 1.21 17.98 13.37
C LEU A 36 1.93 17.86 12.03
N GLY A 37 1.52 18.66 11.05
CA GLY A 37 2.21 18.66 9.77
C GLY A 37 3.66 19.06 9.95
N ARG A 38 3.85 20.19 10.63
CA ARG A 38 5.18 20.72 10.93
C ARG A 38 6.06 19.73 11.71
N ASN A 39 5.48 19.05 12.70
CA ASN A 39 6.18 17.99 13.43
C ASN A 39 6.62 16.89 12.49
N THR A 40 5.69 16.47 11.64
CA THR A 40 5.89 15.29 10.82
C THR A 40 6.86 15.49 9.67
N TRP A 41 6.80 16.65 9.01
CA TRP A 41 7.79 16.95 7.96
C TRP A 41 9.20 16.98 8.57
N ALA A 42 9.32 17.62 9.74
CA ALA A 42 10.60 17.71 10.43
C ALA A 42 11.15 16.34 10.74
N PHE A 43 10.30 15.46 11.26
CA PHE A 43 10.71 14.10 11.52
C PHE A 43 11.08 13.37 10.23
N LEU A 44 10.18 13.39 9.25
CA LEU A 44 10.40 12.69 7.98
C LEU A 44 11.63 13.17 7.22
N HIS A 45 11.78 14.48 7.04
CA HIS A 45 12.93 14.98 6.29
C HIS A 45 14.25 14.70 7.03
N THR A 46 14.21 14.67 8.36
CA THR A 46 15.39 14.34 9.14
C THR A 46 15.67 12.84 9.05
N LEU A 47 14.60 12.05 9.03
CA LEU A 47 14.74 10.62 8.80
C LEU A 47 15.48 10.39 7.48
N ALA A 48 15.03 11.07 6.42
CA ALA A 48 15.63 10.84 5.10
C ALA A 48 17.05 11.37 5.03
N ALA A 49 17.29 12.52 5.65
CA ALA A 49 18.63 13.13 5.69
C ALA A 49 19.70 12.21 6.29
N TYR A 50 19.31 11.35 7.21
CA TYR A 50 20.29 10.48 7.86
C TYR A 50 20.18 9.02 7.46
N TYR A 51 19.34 8.77 6.46
CA TYR A 51 19.21 7.47 5.84
C TYR A 51 20.55 7.18 5.15
N PRO A 52 20.97 5.90 5.11
CA PRO A 52 22.30 5.62 4.55
C PRO A 52 22.44 5.93 3.06
N ASP A 53 23.58 6.50 2.69
CA ASP A 53 23.90 6.72 1.29
C ASP A 53 23.84 5.42 0.51
N MET A 54 24.21 4.33 1.16
CA MET A 54 24.28 3.03 0.51
C MET A 54 23.51 1.97 1.28
N PRO A 55 22.17 2.09 1.33
CA PRO A 55 21.36 1.17 2.13
C PRO A 55 21.38 -0.23 1.54
N THR A 56 21.41 -1.24 2.40
CA THR A 56 21.28 -2.62 2.00
C THR A 56 19.90 -2.85 1.40
N PRO A 57 19.71 -4.01 0.75
CA PRO A 57 18.36 -4.29 0.27
C PRO A 57 17.32 -4.32 1.39
N GLU A 58 17.67 -4.93 2.52
CA GLU A 58 16.75 -5.04 3.65
C GLU A 58 16.34 -3.66 4.18
N GLN A 59 17.28 -2.73 4.18
CA GLN A 59 17.00 -1.37 4.63
C GLN A 59 16.13 -0.66 3.58
N GLN A 60 16.42 -0.87 2.31
CA GLN A 60 15.61 -0.32 1.24
C GLN A 60 14.15 -0.79 1.41
N GLN A 61 13.97 -2.01 1.87
CA GLN A 61 12.64 -2.60 2.01
C GLN A 61 11.95 -2.19 3.31
N ASP A 62 12.72 -1.98 4.36
CA ASP A 62 12.17 -1.50 5.62
C ASP A 62 11.67 -0.07 5.45
N MET A 63 12.45 0.76 4.76
CA MET A 63 12.06 2.16 4.62
C MET A 63 10.81 2.27 3.73
N ALA A 64 10.80 1.53 2.64
CA ALA A 64 9.61 1.50 1.78
C ALA A 64 8.40 1.08 2.60
N GLN A 65 8.53 -0.01 3.33
CA GLN A 65 7.41 -0.49 4.14
C GLN A 65 6.98 0.53 5.18
N PHE A 66 7.94 1.16 5.82
CA PHE A 66 7.68 2.19 6.83
C PHE A 66 6.82 3.31 6.21
N ILE A 67 7.21 3.77 5.03
CA ILE A 67 6.44 4.83 4.41
C ILE A 67 5.03 4.39 4.04
N HIS A 68 4.88 3.13 3.61
CA HIS A 68 3.54 2.59 3.32
C HIS A 68 2.65 2.54 4.55
N ILE A 69 3.17 2.03 5.66
CA ILE A 69 2.40 1.96 6.90
C ILE A 69 2.07 3.37 7.38
N PHE A 70 3.02 4.29 7.24
CA PHE A 70 2.79 5.68 7.58
C PHE A 70 1.59 6.23 6.80
N SER A 71 1.51 5.91 5.51
CA SER A 71 0.42 6.39 4.68
C SER A 71 -0.96 5.89 5.15
N LYS A 72 -0.99 4.73 5.80
CA LYS A 72 -2.26 4.18 6.27
C LYS A 72 -2.72 4.76 7.62
N PHE A 73 -1.79 5.32 8.39
CA PHE A 73 -2.12 5.76 9.74
C PHE A 73 -2.04 7.26 10.00
N TYR A 74 -1.39 8.02 9.11
CA TYR A 74 -1.27 9.46 9.33
C TYR A 74 -2.65 10.09 9.44
N PRO A 75 -2.90 10.83 10.53
CA PRO A 75 -4.22 11.46 10.72
C PRO A 75 -4.37 12.65 9.78
N CYS A 76 -5.33 12.56 8.88
CA CYS A 76 -5.54 13.64 7.93
C CYS A 76 -6.98 13.57 7.45
N GLU A 77 -7.92 13.81 8.37
CA GLU A 77 -9.33 13.67 8.07
C GLU A 77 -9.75 14.73 7.04
N GLU A 78 -10.30 14.28 5.92
CA GLU A 78 -10.78 15.19 4.89
C GLU A 78 -9.66 16.09 4.35
N CYS A 79 -8.44 15.56 4.29
CA CYS A 79 -7.34 16.30 3.69
C CYS A 79 -7.45 16.24 2.18
N ALA A 80 -7.04 17.31 1.52
CA ALA A 80 -7.08 17.34 0.06
C ALA A 80 -6.05 16.37 -0.52
N GLU A 81 -4.92 16.19 0.17
CA GLU A 81 -3.91 15.24 -0.30
C GLU A 81 -4.30 13.84 0.13
N ASP A 82 -4.53 12.97 -0.86
CA ASP A 82 -4.78 11.56 -0.54
C ASP A 82 -3.43 10.84 -0.49
N ILE A 83 -2.79 10.82 0.68
CA ILE A 83 -1.41 10.30 0.73
C ILE A 83 -1.33 8.79 0.61
N ARG A 84 -2.41 8.11 0.96
CA ARG A 84 -2.48 6.67 0.79
C ARG A 84 -2.28 6.34 -0.69
N LYS A 85 -3.12 6.94 -1.53
CA LYS A 85 -3.11 6.71 -2.96
C LYS A 85 -1.81 7.23 -3.55
N ARG A 86 -1.33 8.36 -3.04
CA ARG A 86 -0.14 8.99 -3.59
C ARG A 86 1.08 8.09 -3.39
N ILE A 87 1.20 7.49 -2.21
CA ILE A 87 2.30 6.60 -1.90
C ILE A 87 2.25 5.26 -2.68
N ASP A 88 1.06 4.86 -3.13
CA ASP A 88 0.92 3.67 -3.98
C ASP A 88 1.09 3.93 -5.48
N ARG A 89 1.12 5.20 -5.88
CA ARG A 89 1.23 5.53 -7.31
C ARG A 89 2.65 5.96 -7.63
N SER A 90 3.14 6.92 -6.85
CA SER A 90 4.51 7.36 -6.93
C SER A 90 5.24 6.79 -5.72
N GLN A 91 5.60 5.52 -5.83
CA GLN A 91 6.11 4.76 -4.69
C GLN A 91 7.42 5.29 -4.16
N PRO A 92 7.59 5.26 -2.83
CA PRO A 92 8.82 5.77 -2.23
C PRO A 92 10.04 5.09 -2.83
N ASP A 93 11.01 5.90 -3.25
CA ASP A 93 12.24 5.39 -3.83
C ASP A 93 13.31 5.41 -2.74
N THR A 94 13.68 4.24 -2.25
CA THR A 94 14.53 4.15 -1.07
C THR A 94 15.90 3.58 -1.40
N SER A 95 16.28 3.71 -2.66
CA SER A 95 17.56 3.22 -3.18
C SER A 95 18.76 3.83 -2.46
N THR A 96 18.66 5.12 -2.16
CA THR A 96 19.76 5.85 -1.58
C THR A 96 19.20 7.00 -0.74
N ARG A 97 20.06 7.60 0.08
CA ARG A 97 19.71 8.77 0.89
C ARG A 97 19.18 9.89 0.00
N VAL A 98 19.89 10.18 -1.09
CA VAL A 98 19.50 11.28 -1.97
C VAL A 98 18.22 10.97 -2.74
N SER A 99 18.04 9.72 -3.17
CA SER A 99 16.80 9.30 -3.81
C SER A 99 15.60 9.51 -2.89
N PHE A 100 15.72 8.99 -1.67
CA PHE A 100 14.66 9.02 -0.67
C PHE A 100 14.39 10.49 -0.33
N SER A 101 15.46 11.26 -0.15
CA SER A 101 15.38 12.67 0.21
C SER A 101 14.61 13.46 -0.83
N GLN A 102 14.91 13.17 -2.09
CA GLN A 102 14.31 13.88 -3.21
C GLN A 102 12.86 13.43 -3.41
N TRP A 103 12.61 12.14 -3.25
CA TRP A 103 11.24 11.64 -3.32
C TRP A 103 10.35 12.27 -2.25
N LEU A 104 10.87 12.37 -1.04
CA LEU A 104 10.10 12.95 0.05
C LEU A 104 9.87 14.44 -0.20
N CYS A 105 10.85 15.09 -0.84
CA CYS A 105 10.73 16.53 -1.13
C CYS A 105 9.66 16.77 -2.18
N ARG A 106 9.62 15.89 -3.17
CA ARG A 106 8.60 15.99 -4.20
C ARG A 106 7.24 15.76 -3.58
N LEU A 107 7.11 14.73 -2.75
CA LEU A 107 5.85 14.48 -2.04
C LEU A 107 5.41 15.75 -1.30
N HIS A 108 6.31 16.30 -0.49
CA HIS A 108 6.02 17.50 0.29
C HIS A 108 5.58 18.65 -0.64
N ASN A 109 6.22 18.79 -1.79
CA ASN A 109 5.82 19.81 -2.76
C ASN A 109 4.44 19.60 -3.39
N GLU A 110 4.00 18.34 -3.47
CA GLU A 110 2.65 18.08 -3.95
C GLU A 110 1.65 18.62 -2.94
N VAL A 111 1.96 18.47 -1.65
CA VAL A 111 1.08 19.03 -0.62
C VAL A 111 1.17 20.55 -0.64
N ASN A 112 2.37 21.11 -0.77
CA ASN A 112 2.52 22.56 -0.92
C ASN A 112 1.60 23.12 -2.03
N ARG A 113 1.59 22.48 -3.19
CA ARG A 113 0.82 23.00 -4.33
C ARG A 113 -0.67 23.07 -4.05
N LYS A 114 -1.22 22.00 -3.46
CA LYS A 114 -2.64 21.98 -3.10
C LYS A 114 -2.98 23.07 -2.07
N LEU A 115 -2.02 23.44 -1.24
CA LEU A 115 -2.28 24.37 -0.15
C LEU A 115 -1.87 25.82 -0.48
N GLY A 116 -1.35 26.05 -1.67
CA GLY A 116 -0.91 27.38 -2.06
C GLY A 116 0.38 27.83 -1.38
N LYS A 117 1.20 26.88 -0.94
CA LYS A 117 2.53 27.20 -0.43
C LYS A 117 3.52 27.08 -1.57
N PRO A 118 4.58 27.90 -1.55
CA PRO A 118 5.55 27.88 -2.67
C PRO A 118 6.35 26.58 -2.73
N ASP A 119 6.78 26.24 -3.94
CA ASP A 119 7.64 25.09 -4.15
C ASP A 119 8.96 25.29 -3.43
N PHE A 120 9.39 24.23 -2.76
CA PHE A 120 10.68 24.23 -2.10
C PHE A 120 11.66 23.66 -3.11
N ASP A 121 12.80 24.32 -3.25
CA ASP A 121 13.84 23.89 -4.18
C ASP A 121 14.53 22.65 -3.63
N CYS A 122 14.19 21.50 -4.20
CA CYS A 122 14.59 20.20 -3.67
C CYS A 122 16.10 20.02 -3.66
N SER A 123 16.79 20.82 -4.46
CA SER A 123 18.25 20.74 -4.50
C SER A 123 18.88 21.33 -3.24
N ARG A 124 18.06 21.93 -2.38
CA ARG A 124 18.60 22.52 -1.16
C ARG A 124 18.15 21.74 0.07
N VAL A 125 17.70 20.52 -0.14
CA VAL A 125 17.17 19.68 0.92
C VAL A 125 18.21 19.35 2.01
N ASP A 126 19.46 19.15 1.61
CA ASP A 126 20.53 18.88 2.57
C ASP A 126 20.89 20.11 3.39
N GLU A 127 20.92 21.29 2.77
CA GLU A 127 21.19 22.51 3.52
C GLU A 127 20.15 22.66 4.61
N ARG A 128 18.88 22.48 4.22
CA ARG A 128 17.76 22.71 5.12
C ARG A 128 17.69 21.74 6.29
N TRP A 129 17.96 20.45 6.05
CA TRP A 129 17.65 19.43 7.04
C TRP A 129 18.85 18.63 7.60
N ARG A 130 20.04 18.80 7.03
CA ARG A 130 21.23 18.14 7.55
C ARG A 130 22.41 19.08 7.85
N ASP A 131 22.77 19.93 6.89
CA ASP A 131 24.06 20.60 6.93
C ASP A 131 24.01 22.07 7.33
N GLY A 132 22.87 22.71 7.11
CA GLY A 132 22.77 24.14 7.32
C GLY A 132 23.01 24.88 6.02
N TRP A 133 22.30 25.99 5.81
CA TRP A 133 22.48 26.81 4.63
C TRP A 133 23.95 27.14 4.43
N LYS A 134 24.39 27.21 3.18
CA LYS A 134 25.79 27.53 2.88
C LYS A 134 26.24 28.86 3.49
N ASP A 135 25.32 29.81 3.67
CA ASP A 135 25.66 31.12 4.24
C ASP A 135 26.08 31.10 5.72
N GLY A 136 26.08 29.91 6.33
CA GLY A 136 26.62 29.74 7.67
C GLY A 136 25.74 30.16 8.83
N SER A 137 24.49 30.50 8.55
CA SER A 137 23.59 31.01 9.61
C SER A 137 23.01 29.93 10.51
N CYS A 138 23.60 28.73 10.51
CA CYS A 138 23.10 27.62 11.31
C CYS A 138 24.21 26.96 12.13
N ASP B 28 -17.85 -26.15 -13.58
CA ASP B 28 -18.62 -24.98 -13.21
C ASP B 28 -18.79 -24.86 -11.69
N CYS B 29 -17.73 -25.20 -10.97
CA CYS B 29 -17.71 -25.11 -9.51
C CYS B 29 -16.78 -24.00 -9.06
N PRO B 30 -16.97 -23.49 -7.83
CA PRO B 30 -16.10 -22.42 -7.33
C PRO B 30 -14.62 -22.80 -7.39
N GLN B 31 -13.76 -21.79 -7.45
CA GLN B 31 -12.33 -21.99 -7.60
C GLN B 31 -11.68 -22.25 -6.25
N ASP B 32 -10.91 -23.34 -6.16
CA ASP B 32 -10.08 -23.53 -4.99
C ASP B 32 -8.80 -22.72 -5.16
N ARG B 33 -7.94 -22.73 -4.16
CA ARG B 33 -6.74 -21.90 -4.18
C ARG B 33 -5.87 -22.18 -5.42
N GLU B 34 -5.87 -23.41 -5.88
CA GLU B 34 -5.04 -23.80 -7.02
C GLU B 34 -5.58 -23.27 -8.34
N GLU B 35 -6.88 -23.49 -8.55
CA GLU B 35 -7.53 -23.07 -9.79
C GLU B 35 -7.48 -21.55 -9.88
N LEU B 36 -7.82 -20.87 -8.80
CA LEU B 36 -7.82 -19.41 -8.80
C LEU B 36 -6.41 -18.91 -9.04
N GLY B 37 -5.44 -19.57 -8.42
CA GLY B 37 -4.05 -19.28 -8.64
C GLY B 37 -3.75 -19.26 -10.14
N ARG B 38 -4.09 -20.34 -10.84
CA ARG B 38 -3.81 -20.42 -12.27
C ARG B 38 -4.49 -19.31 -13.05
N ASN B 39 -5.80 -19.14 -12.84
CA ASN B 39 -6.53 -18.04 -13.47
C ASN B 39 -5.79 -16.71 -13.33
N THR B 40 -5.38 -16.39 -12.10
CA THR B 40 -4.83 -15.08 -11.75
C THR B 40 -3.42 -14.83 -12.26
N TRP B 41 -2.51 -15.80 -12.14
CA TRP B 41 -1.19 -15.63 -12.76
C TRP B 41 -1.35 -15.47 -14.29
N ALA B 42 -2.25 -16.23 -14.89
CA ALA B 42 -2.51 -16.13 -16.33
C ALA B 42 -2.92 -14.70 -16.68
N PHE B 43 -3.90 -14.18 -15.95
CA PHE B 43 -4.32 -12.79 -16.12
C PHE B 43 -3.18 -11.79 -15.86
N LEU B 44 -2.54 -11.88 -14.70
CA LEU B 44 -1.43 -10.96 -14.37
C LEU B 44 -0.29 -11.00 -15.38
N HIS B 45 0.22 -12.18 -15.72
CA HIS B 45 1.32 -12.27 -16.69
C HIS B 45 0.92 -11.77 -18.07
N THR B 46 -0.31 -12.07 -18.50
CA THR B 46 -0.78 -11.56 -19.79
C THR B 46 -0.91 -10.04 -19.76
N LEU B 47 -1.41 -9.51 -18.65
CA LEU B 47 -1.56 -8.06 -18.52
C LEU B 47 -0.18 -7.36 -18.58
N ALA B 48 0.81 -7.95 -17.93
CA ALA B 48 2.18 -7.45 -17.98
C ALA B 48 2.80 -7.57 -19.39
N ALA B 49 2.46 -8.63 -20.11
CA ALA B 49 3.00 -8.85 -21.44
C ALA B 49 2.57 -7.74 -22.41
N TYR B 50 1.33 -7.26 -22.24
CA TYR B 50 0.79 -6.22 -23.13
C TYR B 50 0.88 -4.80 -22.58
N TYR B 51 1.58 -4.64 -21.47
CA TYR B 51 1.86 -3.33 -20.91
C TYR B 51 2.83 -2.63 -21.87
N PRO B 52 2.78 -1.29 -21.95
CA PRO B 52 3.60 -0.59 -22.95
C PRO B 52 5.10 -0.63 -22.64
N ASP B 53 5.93 -0.74 -23.69
CA ASP B 53 7.38 -0.68 -23.52
C ASP B 53 7.82 0.62 -22.86
N MET B 54 7.08 1.69 -23.13
CA MET B 54 7.39 3.01 -22.58
C MET B 54 6.15 3.73 -22.04
N PRO B 55 5.66 3.26 -20.89
CA PRO B 55 4.50 3.83 -20.22
C PRO B 55 4.77 5.29 -19.81
N THR B 56 3.71 6.10 -19.84
CA THR B 56 3.79 7.46 -19.34
C THR B 56 3.75 7.36 -17.82
N PRO B 57 4.12 8.44 -17.13
CA PRO B 57 4.04 8.42 -15.67
C PRO B 57 2.63 8.05 -15.16
N GLU B 58 1.58 8.53 -15.83
CA GLU B 58 0.22 8.17 -15.43
C GLU B 58 -0.01 6.68 -15.49
N GLN B 59 0.53 6.04 -16.53
CA GLN B 59 0.36 4.59 -16.68
C GLN B 59 1.20 3.83 -15.66
N GLN B 60 2.41 4.34 -15.38
CA GLN B 60 3.28 3.74 -14.35
C GLN B 60 2.57 3.72 -13.00
N GLN B 61 1.97 4.84 -12.65
CA GLN B 61 1.29 5.01 -11.38
C GLN B 61 0.05 4.16 -11.29
N ASP B 62 -0.74 4.15 -12.36
CA ASP B 62 -1.93 3.33 -12.44
C ASP B 62 -1.63 1.86 -12.18
N MET B 63 -0.58 1.33 -12.80
CA MET B 63 -0.27 -0.09 -12.67
C MET B 63 0.35 -0.37 -11.30
N ALA B 64 1.15 0.57 -10.79
CA ALA B 64 1.64 0.44 -9.41
C ALA B 64 0.46 0.39 -8.46
N GLN B 65 -0.54 1.25 -8.69
CA GLN B 65 -1.70 1.30 -7.81
C GLN B 65 -2.54 0.04 -7.93
N PHE B 66 -2.82 -0.34 -9.17
CA PHE B 66 -3.49 -1.61 -9.45
C PHE B 66 -2.86 -2.74 -8.65
N ILE B 67 -1.55 -2.90 -8.75
CA ILE B 67 -0.88 -4.00 -8.04
C ILE B 67 -1.04 -3.88 -6.52
N HIS B 68 -0.89 -2.67 -6.01
CA HIS B 68 -1.11 -2.44 -4.60
C HIS B 68 -2.53 -2.81 -4.17
N ILE B 69 -3.54 -2.43 -4.96
CA ILE B 69 -4.93 -2.77 -4.66
C ILE B 69 -5.17 -4.27 -4.75
N PHE B 70 -4.66 -4.87 -5.80
CA PHE B 70 -4.65 -6.32 -5.90
C PHE B 70 -4.12 -6.97 -4.62
N SER B 71 -3.02 -6.43 -4.09
CA SER B 71 -2.34 -7.06 -2.94
C SER B 71 -3.22 -7.12 -1.69
N LYS B 72 -4.22 -6.26 -1.62
CA LYS B 72 -5.08 -6.18 -0.44
C LYS B 72 -6.33 -7.02 -0.60
N PHE B 73 -6.70 -7.30 -1.85
CA PHE B 73 -7.97 -7.98 -2.12
C PHE B 73 -7.88 -9.40 -2.64
N TYR B 74 -6.71 -9.86 -3.04
CA TYR B 74 -6.60 -11.25 -3.48
C TYR B 74 -6.90 -12.18 -2.32
N PRO B 75 -7.91 -13.04 -2.46
CA PRO B 75 -8.26 -13.96 -1.36
C PRO B 75 -7.23 -15.07 -1.29
N CYS B 76 -6.45 -15.09 -0.22
CA CYS B 76 -5.41 -16.08 -0.08
C CYS B 76 -5.25 -16.44 1.39
N GLU B 77 -6.01 -17.42 1.85
CA GLU B 77 -5.93 -17.86 3.24
C GLU B 77 -6.06 -19.37 3.30
N GLU B 78 -5.14 -20.01 4.01
CA GLU B 78 -4.05 -19.31 4.68
C GLU B 78 -2.74 -19.49 3.90
N CYS B 79 -2.36 -18.45 3.16
CA CYS B 79 -1.17 -18.51 2.31
C CYS B 79 0.10 -18.10 3.03
N ALA B 80 1.18 -18.82 2.74
CA ALA B 80 2.48 -18.55 3.36
C ALA B 80 3.12 -17.29 2.78
N GLU B 81 2.78 -16.98 1.53
CA GLU B 81 3.26 -15.76 0.90
C GLU B 81 2.40 -14.60 1.32
N ASP B 82 3.02 -13.58 1.89
CA ASP B 82 2.32 -12.38 2.36
C ASP B 82 2.43 -11.30 1.30
N ILE B 83 1.53 -11.31 0.31
CA ILE B 83 1.64 -10.35 -0.79
C ILE B 83 1.43 -8.91 -0.36
N ARG B 84 0.59 -8.69 0.65
CA ARG B 84 0.33 -7.33 1.07
C ARG B 84 1.66 -6.74 1.53
N LYS B 85 2.33 -7.44 2.43
CA LYS B 85 3.59 -6.98 2.97
C LYS B 85 4.66 -6.93 1.86
N ARG B 86 4.76 -8.01 1.09
CA ARG B 86 5.76 -8.10 0.02
C ARG B 86 5.66 -7.00 -1.07
N ILE B 87 4.43 -6.59 -1.40
CA ILE B 87 4.23 -5.50 -2.36
C ILE B 87 4.60 -4.09 -1.82
N ASP B 88 4.68 -3.94 -0.50
CA ASP B 88 5.11 -2.68 0.10
C ASP B 88 6.62 -2.64 0.34
N ARG B 89 7.29 -3.78 0.22
CA ARG B 89 8.71 -3.84 0.53
C ARG B 89 9.52 -3.92 -0.76
N SER B 90 9.18 -4.88 -1.62
CA SER B 90 9.78 -4.99 -2.94
C SER B 90 8.77 -4.50 -3.94
N GLN B 91 8.69 -3.19 -4.08
CA GLN B 91 7.60 -2.57 -4.81
C GLN B 91 7.65 -2.87 -6.29
N PRO B 92 6.46 -3.07 -6.89
CA PRO B 92 6.33 -3.36 -8.33
C PRO B 92 7.03 -2.29 -9.09
N ASP B 93 8.02 -2.68 -9.88
CA ASP B 93 8.69 -1.74 -10.75
C ASP B 93 7.95 -1.67 -12.07
N THR B 94 7.19 -0.59 -12.27
CA THR B 94 6.36 -0.43 -13.45
C THR B 94 6.96 0.48 -14.54
N SER B 95 8.25 0.77 -14.48
CA SER B 95 8.79 1.75 -15.44
C SER B 95 8.70 1.31 -16.90
N THR B 96 8.77 0.01 -17.16
CA THR B 96 8.69 -0.50 -18.52
C THR B 96 8.00 -1.86 -18.55
N ARG B 97 7.59 -2.30 -19.73
CA ARG B 97 7.03 -3.63 -19.86
C ARG B 97 8.00 -4.69 -19.33
N VAL B 98 9.28 -4.57 -19.69
CA VAL B 98 10.31 -5.52 -19.24
C VAL B 98 10.47 -5.53 -17.71
N SER B 99 10.63 -4.34 -17.12
CA SER B 99 10.81 -4.27 -15.67
C SER B 99 9.63 -4.86 -14.90
N PHE B 100 8.41 -4.61 -15.38
CA PHE B 100 7.20 -5.05 -14.70
C PHE B 100 6.93 -6.54 -14.93
N SER B 101 7.07 -6.99 -16.18
CA SER B 101 7.06 -8.42 -16.50
C SER B 101 8.06 -9.20 -15.63
N GLN B 102 9.29 -8.67 -15.51
CA GLN B 102 10.33 -9.33 -14.71
C GLN B 102 9.97 -9.30 -13.22
N TRP B 103 9.44 -8.17 -12.76
CA TRP B 103 9.06 -8.03 -11.36
C TRP B 103 8.02 -9.07 -11.01
N LEU B 104 7.03 -9.20 -11.88
CA LEU B 104 5.92 -10.11 -11.67
C LEU B 104 6.42 -11.56 -11.73
N CYS B 105 7.40 -11.82 -12.59
CA CYS B 105 8.00 -13.17 -12.64
C CYS B 105 8.77 -13.48 -11.36
N ARG B 106 9.48 -12.50 -10.81
CA ARG B 106 10.20 -12.74 -9.56
C ARG B 106 9.23 -12.97 -8.42
N LEU B 107 8.13 -12.22 -8.40
CA LEU B 107 7.08 -12.43 -7.39
C LEU B 107 6.51 -13.84 -7.47
N HIS B 108 6.25 -14.31 -8.69
CA HIS B 108 5.63 -15.62 -8.88
C HIS B 108 6.59 -16.71 -8.42
N ASN B 109 7.88 -16.52 -8.67
CA ASN B 109 8.89 -17.47 -8.22
C ASN B 109 9.03 -17.49 -6.70
N GLU B 110 8.81 -16.35 -6.07
CA GLU B 110 8.82 -16.28 -4.62
C GLU B 110 7.78 -17.26 -4.07
N VAL B 111 6.59 -17.25 -4.63
CA VAL B 111 5.55 -18.19 -4.23
C VAL B 111 5.91 -19.63 -4.63
N ASN B 112 6.60 -19.80 -5.76
CA ASN B 112 7.02 -21.13 -6.18
C ASN B 112 7.99 -21.75 -5.18
N ARG B 113 8.98 -20.97 -4.78
CA ARG B 113 9.88 -21.32 -3.69
C ARG B 113 9.12 -21.85 -2.45
N LYS B 114 8.22 -21.03 -1.92
CA LYS B 114 7.51 -21.43 -0.72
C LYS B 114 6.71 -22.72 -0.88
N LEU B 115 6.33 -23.05 -2.11
CA LEU B 115 5.57 -24.27 -2.34
C LEU B 115 6.45 -25.42 -2.86
N GLY B 116 7.75 -25.17 -2.95
CA GLY B 116 8.64 -26.18 -3.48
C GLY B 116 8.38 -26.48 -4.96
N LYS B 117 7.79 -25.52 -5.65
CA LYS B 117 7.63 -25.62 -7.10
C LYS B 117 8.91 -25.14 -7.74
N PRO B 118 9.25 -25.70 -8.91
CA PRO B 118 10.48 -25.29 -9.58
C PRO B 118 10.46 -23.83 -10.02
N ASP B 119 11.63 -23.21 -10.00
CA ASP B 119 11.83 -21.86 -10.51
C ASP B 119 11.40 -21.81 -11.98
N PHE B 120 10.60 -20.81 -12.35
CA PHE B 120 10.30 -20.58 -13.75
C PHE B 120 11.42 -19.71 -14.30
N ASP B 121 11.91 -20.03 -15.50
CA ASP B 121 12.95 -19.23 -16.13
C ASP B 121 12.41 -17.89 -16.62
N CYS B 122 12.64 -16.83 -15.83
CA CYS B 122 12.08 -15.52 -16.13
C CYS B 122 12.50 -14.92 -17.48
N SER B 123 13.57 -15.44 -18.07
CA SER B 123 13.97 -14.92 -19.36
C SER B 123 12.98 -15.38 -20.43
N ARG B 124 12.12 -16.30 -20.05
CA ARG B 124 11.18 -16.89 -20.99
C ARG B 124 9.75 -16.37 -20.84
N VAL B 125 9.54 -15.29 -20.07
CA VAL B 125 8.16 -14.83 -19.84
C VAL B 125 7.47 -14.37 -21.12
N ASP B 126 8.21 -13.68 -21.99
CA ASP B 126 7.64 -13.18 -23.24
C ASP B 126 7.21 -14.32 -24.17
N GLU B 127 7.95 -15.41 -24.14
CA GLU B 127 7.58 -16.53 -24.98
C GLU B 127 6.34 -17.20 -24.41
N ARG B 128 6.36 -17.40 -23.09
CA ARG B 128 5.30 -18.11 -22.38
C ARG B 128 3.97 -17.39 -22.46
N TRP B 129 3.99 -16.07 -22.28
CA TRP B 129 2.75 -15.31 -22.12
C TRP B 129 2.43 -14.29 -23.22
N ARG B 130 3.37 -13.99 -24.11
CA ARG B 130 3.06 -13.06 -25.21
C ARG B 130 3.26 -13.61 -26.63
N ASP B 131 4.50 -13.91 -27.00
CA ASP B 131 4.83 -14.22 -28.40
C ASP B 131 4.78 -15.67 -28.81
N GLY B 132 4.78 -16.57 -27.84
CA GLY B 132 4.89 -18.00 -28.13
C GLY B 132 6.35 -18.43 -28.17
N TRP B 133 6.59 -19.72 -27.89
CA TRP B 133 7.93 -20.29 -27.97
C TRP B 133 8.58 -20.01 -29.33
N LYS B 134 9.82 -19.55 -29.30
CA LYS B 134 10.53 -19.19 -30.53
C LYS B 134 10.75 -20.34 -31.51
N ASP B 135 10.60 -21.58 -31.05
CA ASP B 135 10.72 -22.73 -31.94
C ASP B 135 9.46 -22.91 -32.75
N GLY B 136 8.50 -22.00 -32.56
CA GLY B 136 7.28 -21.99 -33.34
C GLY B 136 6.26 -23.04 -32.96
N SER B 137 6.52 -23.77 -31.87
CA SER B 137 5.66 -24.89 -31.46
C SER B 137 4.25 -24.56 -30.98
N CYS B 138 3.95 -23.27 -30.82
CA CYS B 138 2.55 -22.88 -30.60
C CYS B 138 1.84 -22.80 -31.95
N ASP C 28 14.49 27.46 10.75
CA ASP C 28 14.81 27.15 9.36
C ASP C 28 16.12 26.37 9.19
N CYS C 29 16.68 25.91 10.32
CA CYS C 29 17.91 25.13 10.28
C CYS C 29 17.63 23.66 10.60
N PRO C 30 18.63 22.79 10.39
CA PRO C 30 18.43 21.36 10.67
C PRO C 30 18.09 21.14 12.14
N GLN C 31 17.31 20.09 12.42
CA GLN C 31 16.92 19.75 13.79
C GLN C 31 18.12 19.34 14.63
N ASP C 32 18.24 19.89 15.83
CA ASP C 32 19.15 19.31 16.80
C ASP C 32 18.44 18.16 17.50
N ARG C 33 19.15 17.47 18.37
CA ARG C 33 18.60 16.33 19.09
C ARG C 33 17.32 16.65 19.87
N GLU C 34 17.31 17.81 20.52
CA GLU C 34 16.16 18.22 21.33
C GLU C 34 14.95 18.60 20.50
N GLU C 35 15.20 19.28 19.38
CA GLU C 35 14.13 19.66 18.46
C GLU C 35 13.55 18.44 17.75
N LEU C 36 14.43 17.61 17.18
CA LEU C 36 14.00 16.37 16.53
C LEU C 36 13.13 15.54 17.48
N GLY C 37 13.54 15.50 18.75
CA GLY C 37 12.82 14.73 19.75
C GLY C 37 11.41 15.26 19.98
N ARG C 38 11.30 16.56 20.23
CA ARG C 38 9.99 17.18 20.48
C ARG C 38 9.01 16.92 19.36
N ASN C 39 9.47 17.04 18.12
CA ASN C 39 8.63 16.81 16.96
C ASN C 39 8.19 15.35 16.77
N THR C 40 9.12 14.43 16.97
CA THR C 40 8.84 13.01 16.85
C THR C 40 7.84 12.52 17.90
N TRP C 41 8.03 12.86 19.17
CA TRP C 41 7.03 12.50 20.19
C TRP C 41 5.64 13.04 19.83
N ALA C 42 5.57 14.31 19.45
CA ALA C 42 4.32 14.93 19.05
C ALA C 42 3.68 14.09 17.97
N PHE C 43 4.49 13.73 16.99
CA PHE C 43 4.03 12.88 15.90
C PHE C 43 3.56 11.50 16.38
N LEU C 44 4.34 10.85 17.23
CA LEU C 44 3.98 9.51 17.70
C LEU C 44 2.76 9.51 18.64
N HIS C 45 2.71 10.43 19.62
CA HIS C 45 1.57 10.46 20.54
C HIS C 45 0.28 10.78 19.78
N THR C 46 0.41 11.60 18.73
CA THR C 46 -0.75 11.96 17.94
C THR C 46 -1.16 10.76 17.10
N LEU C 47 -0.18 10.10 16.50
CA LEU C 47 -0.43 8.85 15.79
C LEU C 47 -1.21 7.87 16.66
N ALA C 48 -0.76 7.69 17.89
CA ALA C 48 -1.46 6.77 18.80
C ALA C 48 -2.86 7.30 19.15
N ALA C 49 -2.98 8.61 19.30
CA ALA C 49 -4.23 9.21 19.72
C ALA C 49 -5.35 9.03 18.68
N TYR C 50 -4.95 8.85 17.42
CA TYR C 50 -5.92 8.68 16.34
C TYR C 50 -5.93 7.24 15.82
N TYR C 51 -5.19 6.37 16.50
CA TYR C 51 -5.23 4.93 16.27
C TYR C 51 -6.62 4.44 16.66
N PRO C 52 -7.15 3.41 15.96
CA PRO C 52 -8.53 2.96 16.19
C PRO C 52 -8.73 2.39 17.58
N ASP C 53 -9.92 2.55 18.13
CA ASP C 53 -10.27 1.93 19.41
C ASP C 53 -10.22 0.40 19.31
N MET C 54 -10.76 -0.11 18.22
CA MET C 54 -10.76 -1.56 18.00
C MET C 54 -10.16 -1.84 16.64
N PRO C 55 -8.82 -1.79 16.55
CA PRO C 55 -8.13 -2.01 15.28
C PRO C 55 -8.22 -3.47 14.86
N THR C 56 -8.16 -3.71 13.56
CA THR C 56 -8.22 -5.07 13.04
C THR C 56 -6.88 -5.74 13.34
N PRO C 57 -6.84 -7.07 13.26
CA PRO C 57 -5.57 -7.77 13.43
C PRO C 57 -4.49 -7.24 12.49
N GLU C 58 -4.84 -6.93 11.25
CA GLU C 58 -3.87 -6.35 10.31
C GLU C 58 -3.35 -4.95 10.69
N GLN C 59 -4.22 -4.09 11.21
CA GLN C 59 -3.77 -2.79 11.67
C GLN C 59 -2.80 -2.97 12.85
N GLN C 60 -3.10 -3.93 13.73
CA GLN C 60 -2.28 -4.14 14.92
C GLN C 60 -0.88 -4.52 14.50
N GLN C 61 -0.80 -5.46 13.57
CA GLN C 61 0.47 -5.94 13.03
C GLN C 61 1.22 -4.86 12.24
N ASP C 62 0.49 -4.04 11.48
CA ASP C 62 1.13 -2.93 10.78
C ASP C 62 1.76 -1.96 11.76
N MET C 63 1.05 -1.63 12.83
CA MET C 63 1.58 -0.65 13.77
C MET C 63 2.77 -1.22 14.52
N ALA C 64 2.71 -2.50 14.88
CA ALA C 64 3.87 -3.16 15.47
C ALA C 64 5.09 -3.03 14.56
N GLN C 65 4.89 -3.34 13.29
CA GLN C 65 5.98 -3.27 12.31
C GLN C 65 6.48 -1.84 12.12
N PHE C 66 5.56 -0.88 12.13
CA PHE C 66 5.90 0.53 12.03
C PHE C 66 6.89 0.93 13.13
N ILE C 67 6.52 0.60 14.36
CA ILE C 67 7.33 0.93 15.51
C ILE C 67 8.68 0.23 15.46
N HIS C 68 8.68 -1.03 15.04
CA HIS C 68 9.92 -1.77 14.92
C HIS C 68 10.91 -1.11 13.94
N ILE C 69 10.41 -0.72 12.76
CA ILE C 69 11.24 -0.08 11.76
C ILE C 69 11.64 1.32 12.21
N PHE C 70 10.72 2.00 12.88
CA PHE C 70 11.04 3.31 13.43
C PHE C 70 12.30 3.21 14.31
N SER C 71 12.29 2.27 15.25
CA SER C 71 13.38 2.08 16.19
C SER C 71 14.74 1.78 15.51
N LYS C 72 14.70 1.26 14.29
CA LYS C 72 15.92 1.00 13.51
C LYS C 72 16.48 2.24 12.85
N PHE C 73 15.63 3.25 12.65
CA PHE C 73 15.97 4.36 11.76
C PHE C 73 15.93 5.77 12.38
N TYR C 74 15.36 5.90 13.57
CA TYR C 74 15.34 7.19 14.24
C TYR C 74 16.70 7.86 14.20
N PRO C 75 16.77 9.05 13.57
CA PRO C 75 18.00 9.74 13.15
C PRO C 75 19.04 9.95 14.25
N CYS C 76 18.62 10.10 15.49
CA CYS C 76 19.59 10.24 16.57
C CYS C 76 20.15 8.86 16.90
N GLU C 77 21.41 8.65 16.57
CA GLU C 77 22.07 7.34 16.72
C GLU C 77 21.99 6.81 18.14
N GLU C 78 22.45 7.59 19.11
CA GLU C 78 22.39 7.21 20.53
C GLU C 78 20.95 6.91 20.93
N CYS C 79 20.02 7.76 20.45
CA CYS C 79 18.61 7.66 20.80
C CYS C 79 17.96 6.37 20.29
N ALA C 80 18.34 5.94 19.08
CA ALA C 80 17.71 4.77 18.46
C ALA C 80 18.18 3.46 19.10
N GLU C 81 19.48 3.32 19.33
CA GLU C 81 20.03 2.18 20.05
C GLU C 81 19.36 2.05 21.41
N ASP C 82 19.15 3.19 22.06
CA ASP C 82 18.48 3.21 23.36
C ASP C 82 17.05 2.71 23.28
N ILE C 83 16.25 3.26 22.36
CA ILE C 83 14.85 2.82 22.26
C ILE C 83 14.71 1.40 21.70
N ARG C 84 15.60 0.99 20.81
CA ARG C 84 15.54 -0.40 20.34
C ARG C 84 15.59 -1.36 21.52
N LYS C 85 16.50 -1.09 22.46
CA LYS C 85 16.69 -1.98 23.60
C LYS C 85 15.51 -1.88 24.58
N ARG C 86 14.89 -0.70 24.67
CA ARG C 86 13.68 -0.55 25.48
C ARG C 86 12.45 -1.22 24.83
N ILE C 87 12.39 -1.17 23.50
CA ILE C 87 11.26 -1.75 22.76
C ILE C 87 11.34 -3.28 22.69
N ASP C 88 12.54 -3.79 22.49
CA ASP C 88 12.76 -5.24 22.49
C ASP C 88 12.48 -5.82 23.88
N ARG C 89 12.57 -4.98 24.91
CA ARG C 89 12.26 -5.38 26.28
C ARG C 89 10.75 -5.49 26.52
N SER C 90 9.99 -4.51 26.05
CA SER C 90 8.54 -4.53 26.11
C SER C 90 7.94 -4.03 24.79
N GLN C 91 7.62 -4.96 23.89
CA GLN C 91 7.07 -4.65 22.57
C GLN C 91 5.78 -3.85 22.67
N PRO C 92 5.51 -3.00 21.68
CA PRO C 92 4.32 -2.14 21.83
C PRO C 92 3.04 -2.96 21.90
N ASP C 93 2.15 -2.63 22.83
CA ASP C 93 0.83 -3.27 22.82
C ASP C 93 -0.13 -2.51 21.92
N THR C 94 -0.24 -2.95 20.67
CA THR C 94 -1.07 -2.26 19.69
C THR C 94 -2.52 -2.76 19.64
N SER C 95 -2.97 -3.40 20.71
CA SER C 95 -4.29 -4.00 20.77
C SER C 95 -5.43 -2.99 20.61
N THR C 96 -5.29 -1.83 21.25
CA THR C 96 -6.32 -0.79 21.22
C THR C 96 -5.67 0.59 21.27
N ARG C 97 -6.43 1.63 20.95
CA ARG C 97 -5.96 2.99 21.14
C ARG C 97 -5.42 3.19 22.55
N VAL C 98 -6.15 2.68 23.54
CA VAL C 98 -5.73 2.82 24.94
C VAL C 98 -4.42 2.09 25.21
N SER C 99 -4.33 0.81 24.84
CA SER C 99 -3.11 0.05 25.14
C SER C 99 -1.89 0.70 24.52
N PHE C 100 -2.05 1.17 23.28
CA PHE C 100 -0.95 1.67 22.48
C PHE C 100 -0.52 3.05 22.96
N SER C 101 -1.49 3.93 23.15
CA SER C 101 -1.26 5.24 23.73
C SER C 101 -0.55 5.16 25.08
N GLN C 102 -1.04 4.28 25.96
CA GLN C 102 -0.44 4.08 27.29
C GLN C 102 0.98 3.49 27.18
N TRP C 103 1.12 2.43 26.38
CA TRP C 103 2.44 1.90 26.08
C TRP C 103 3.42 2.97 25.61
N LEU C 104 2.94 3.89 24.78
CA LEU C 104 3.83 4.90 24.24
C LEU C 104 4.15 5.91 25.32
N CYS C 105 3.16 6.20 26.15
CA CYS C 105 3.39 7.07 27.30
C CYS C 105 4.49 6.51 28.21
N ARG C 106 4.38 5.22 28.53
CA ARG C 106 5.38 4.57 29.40
C ARG C 106 6.78 4.58 28.79
N LEU C 107 6.86 4.31 27.49
CA LEU C 107 8.14 4.37 26.78
C LEU C 107 8.76 5.77 26.89
N HIS C 108 7.95 6.79 26.64
CA HIS C 108 8.43 8.16 26.70
C HIS C 108 8.85 8.50 28.15
N ASN C 109 8.12 7.98 29.14
CA ASN C 109 8.54 8.21 30.53
C ASN C 109 9.90 7.59 30.88
N GLU C 110 10.26 6.47 30.26
CA GLU C 110 11.60 5.92 30.45
C GLU C 110 12.68 6.89 29.93
N VAL C 111 12.50 7.42 28.73
CA VAL C 111 13.46 8.40 28.25
C VAL C 111 13.49 9.63 29.17
N ASN C 112 12.32 10.10 29.58
CA ASN C 112 12.25 11.18 30.56
C ASN C 112 13.13 10.89 31.78
N ARG C 113 12.97 9.72 32.38
CA ARG C 113 13.73 9.35 33.58
C ARG C 113 15.22 9.37 33.34
N LYS C 114 15.64 8.74 32.25
CA LYS C 114 17.05 8.72 31.87
C LYS C 114 17.61 10.15 31.73
N LEU C 115 16.77 11.06 31.25
CA LEU C 115 17.23 12.41 30.93
C LEU C 115 17.09 13.39 32.10
N GLY C 116 16.51 12.93 33.20
CA GLY C 116 16.30 13.76 34.37
C GLY C 116 15.05 14.62 34.32
N LYS C 117 14.19 14.39 33.32
CA LYS C 117 12.95 15.15 33.20
C LYS C 117 11.86 14.52 34.07
N PRO C 118 10.83 15.31 34.41
CA PRO C 118 9.73 14.78 35.23
C PRO C 118 8.88 13.72 34.53
N ASP C 119 8.27 12.88 35.36
CA ASP C 119 7.34 11.87 34.91
C ASP C 119 6.08 12.54 34.37
N PHE C 120 5.62 12.09 33.20
CA PHE C 120 4.33 12.54 32.67
C PHE C 120 3.24 11.59 33.16
N ASP C 121 2.21 12.15 33.80
CA ASP C 121 1.11 11.36 34.29
C ASP C 121 0.34 10.78 33.09
N CYS C 122 0.51 9.48 32.83
CA CYS C 122 -0.06 8.86 31.65
C CYS C 122 -1.58 8.84 31.61
N SER C 123 -2.23 9.19 32.71
CA SER C 123 -3.69 9.23 32.74
C SER C 123 -4.19 10.50 32.07
N ARG C 124 -3.29 11.42 31.79
CA ARG C 124 -3.64 12.68 31.14
C ARG C 124 -3.29 12.68 29.65
N VAL C 125 -2.89 11.51 29.14
CA VAL C 125 -2.41 11.42 27.77
C VAL C 125 -3.50 11.74 26.73
N ASP C 126 -4.72 11.28 26.96
CA ASP C 126 -5.81 11.53 26.01
C ASP C 126 -6.11 13.02 25.96
N GLU C 127 -6.04 13.66 27.12
CA GLU C 127 -6.26 15.08 27.20
C GLU C 127 -5.14 15.83 26.48
N ARG C 128 -3.90 15.43 26.78
CA ARG C 128 -2.72 16.10 26.24
C ARG C 128 -2.63 16.05 24.70
N TRP C 129 -2.95 14.90 24.11
CA TRP C 129 -2.76 14.71 22.67
C TRP C 129 -4.03 14.46 21.85
N ARG C 130 -5.20 14.38 22.49
CA ARG C 130 -6.40 14.11 21.73
C ARG C 130 -7.56 15.06 22.03
N ASP C 131 -8.08 15.03 23.26
CA ASP C 131 -9.32 15.70 23.58
C ASP C 131 -9.18 17.13 24.08
N GLY C 132 -8.01 17.45 24.62
CA GLY C 132 -7.79 18.76 25.22
C GLY C 132 -8.10 18.65 26.69
N TRP C 133 -7.63 19.60 27.48
CA TRP C 133 -7.87 19.56 28.92
C TRP C 133 -9.35 19.61 29.26
N LYS C 134 -9.76 18.81 30.24
CA LYS C 134 -11.16 18.66 30.59
C LYS C 134 -11.83 20.01 30.89
N ASP C 135 -11.03 21.03 31.13
CA ASP C 135 -11.53 22.35 31.51
C ASP C 135 -11.65 23.33 30.34
N GLY C 136 -11.70 22.79 29.13
CA GLY C 136 -11.88 23.63 27.95
C GLY C 136 -10.73 24.59 27.66
N SER C 137 -9.59 24.36 28.31
CA SER C 137 -8.38 25.17 28.12
C SER C 137 -7.91 25.21 26.66
N CYS C 138 -8.32 24.22 25.88
CA CYS C 138 -7.98 24.17 24.46
C CYS C 138 -9.20 24.47 23.59
N ASP D 28 1.03 -24.80 -22.80
CA ASP D 28 1.72 -23.67 -22.18
C ASP D 28 2.07 -22.59 -23.21
N CYS D 29 1.07 -22.16 -23.98
CA CYS D 29 1.27 -21.06 -24.91
C CYS D 29 0.50 -19.82 -24.46
N PRO D 30 0.84 -18.66 -25.02
CA PRO D 30 0.12 -17.44 -24.65
C PRO D 30 -1.38 -17.63 -24.81
N GLN D 31 -2.13 -16.94 -23.97
CA GLN D 31 -3.57 -17.06 -23.94
C GLN D 31 -4.18 -16.40 -25.16
N ASP D 32 -5.12 -17.09 -25.81
CA ASP D 32 -5.96 -16.41 -26.80
C ASP D 32 -7.12 -15.68 -26.10
N ARG D 33 -7.92 -14.97 -26.87
CA ARG D 33 -8.98 -14.10 -26.35
C ARG D 33 -9.99 -14.84 -25.46
N GLU D 34 -10.30 -16.08 -25.83
CA GLU D 34 -11.21 -16.92 -25.07
C GLU D 34 -10.63 -17.41 -23.73
N GLU D 35 -9.41 -17.94 -23.77
CA GLU D 35 -8.76 -18.43 -22.57
C GLU D 35 -8.49 -17.29 -21.59
N LEU D 36 -8.01 -16.15 -22.11
CA LEU D 36 -7.74 -15.03 -21.24
C LEU D 36 -9.04 -14.57 -20.58
N GLY D 37 -10.12 -14.65 -21.35
CA GLY D 37 -11.42 -14.25 -20.87
C GLY D 37 -11.89 -15.12 -19.73
N ARG D 38 -11.76 -16.44 -19.90
CA ARG D 38 -12.14 -17.39 -18.86
C ARG D 38 -11.38 -17.17 -17.57
N ASN D 39 -10.07 -16.97 -17.68
CA ASN D 39 -9.24 -16.74 -16.50
C ASN D 39 -9.56 -15.45 -15.79
N THR D 40 -9.81 -14.40 -16.56
CA THR D 40 -10.12 -13.08 -16.04
C THR D 40 -11.50 -13.02 -15.36
N TRP D 41 -12.55 -13.54 -16.01
CA TRP D 41 -13.83 -13.65 -15.33
C TRP D 41 -13.72 -14.45 -14.01
N ALA D 42 -13.10 -15.62 -14.05
CA ALA D 42 -12.86 -16.41 -12.84
C ALA D 42 -12.27 -15.54 -11.76
N PHE D 43 -11.20 -14.84 -12.11
CA PHE D 43 -10.51 -13.98 -11.17
C PHE D 43 -11.43 -12.91 -10.58
N LEU D 44 -12.10 -12.17 -11.46
CA LEU D 44 -12.93 -11.05 -11.04
C LEU D 44 -14.12 -11.48 -10.19
N HIS D 45 -14.82 -12.53 -10.61
CA HIS D 45 -16.00 -13.00 -9.90
C HIS D 45 -15.61 -13.56 -8.54
N THR D 46 -14.42 -14.15 -8.46
CA THR D 46 -13.94 -14.69 -7.20
C THR D 46 -13.50 -13.58 -6.27
N LEU D 47 -12.78 -12.61 -6.81
CA LEU D 47 -12.37 -11.43 -6.07
C LEU D 47 -13.59 -10.84 -5.37
N ALA D 48 -14.71 -10.79 -6.11
CA ALA D 48 -15.91 -10.16 -5.59
C ALA D 48 -16.54 -11.07 -4.54
N ALA D 49 -16.56 -12.36 -4.84
CA ALA D 49 -17.08 -13.36 -3.92
C ALA D 49 -16.49 -13.22 -2.50
N TYR D 50 -15.25 -12.77 -2.40
CA TYR D 50 -14.57 -12.66 -1.11
C TYR D 50 -14.31 -11.22 -0.69
N TYR D 51 -14.95 -10.27 -1.38
CA TYR D 51 -14.87 -8.85 -1.04
C TYR D 51 -15.60 -8.66 0.30
N PRO D 52 -15.20 -7.66 1.10
CA PRO D 52 -15.79 -7.55 2.44
C PRO D 52 -17.32 -7.40 2.41
N ASP D 53 -18.01 -8.01 3.38
CA ASP D 53 -19.46 -7.84 3.49
C ASP D 53 -19.85 -6.39 3.71
N MET D 54 -19.07 -5.67 4.52
CA MET D 54 -19.23 -4.22 4.64
C MET D 54 -17.85 -3.58 4.63
N PRO D 55 -17.36 -3.27 3.44
CA PRO D 55 -16.03 -2.70 3.23
C PRO D 55 -15.95 -1.29 3.78
N THR D 56 -14.77 -0.86 4.19
CA THR D 56 -14.57 0.52 4.60
C THR D 56 -14.69 1.39 3.39
N PRO D 57 -14.77 2.71 3.59
CA PRO D 57 -14.79 3.63 2.46
C PRO D 57 -13.52 3.55 1.63
N GLU D 58 -12.39 3.32 2.29
CA GLU D 58 -11.12 3.22 1.59
C GLU D 58 -11.16 2.01 0.68
N GLN D 59 -11.78 0.93 1.16
CA GLN D 59 -11.89 -0.31 0.42
C GLN D 59 -12.82 -0.14 -0.79
N GLN D 60 -13.92 0.56 -0.57
CA GLN D 60 -14.86 0.83 -1.64
C GLN D 60 -14.18 1.66 -2.72
N GLN D 61 -13.38 2.63 -2.33
CA GLN D 61 -12.73 3.50 -3.30
C GLN D 61 -11.57 2.76 -3.97
N ASP D 62 -10.98 1.81 -3.26
CA ASP D 62 -9.91 1.02 -3.87
C ASP D 62 -10.50 0.14 -4.95
N MET D 63 -11.62 -0.50 -4.67
CA MET D 63 -12.20 -1.43 -5.63
C MET D 63 -12.70 -0.73 -6.90
N ALA D 64 -13.28 0.46 -6.76
CA ALA D 64 -13.70 1.24 -7.94
C ALA D 64 -12.49 1.65 -8.77
N GLN D 65 -11.42 2.08 -8.11
CA GLN D 65 -10.21 2.46 -8.83
C GLN D 65 -9.59 1.23 -9.53
N PHE D 66 -9.66 0.07 -8.87
CA PHE D 66 -9.15 -1.17 -9.42
C PHE D 66 -9.84 -1.52 -10.74
N ILE D 67 -11.17 -1.45 -10.76
CA ILE D 67 -11.92 -1.75 -11.96
C ILE D 67 -11.63 -0.70 -13.05
N HIS D 68 -11.55 0.56 -12.65
CA HIS D 68 -11.21 1.61 -13.60
C HIS D 68 -9.82 1.42 -14.22
N ILE D 69 -8.85 0.98 -13.41
CA ILE D 69 -7.51 0.70 -13.94
C ILE D 69 -7.51 -0.55 -14.81
N PHE D 70 -8.22 -1.59 -14.36
CA PHE D 70 -8.34 -2.82 -15.12
C PHE D 70 -8.90 -2.56 -16.52
N SER D 71 -9.92 -1.72 -16.60
CA SER D 71 -10.59 -1.43 -17.86
C SER D 71 -9.66 -0.73 -18.86
N LYS D 72 -8.58 -0.15 -18.35
CA LYS D 72 -7.59 0.51 -19.23
C LYS D 72 -6.50 -0.42 -19.73
N PHE D 73 -6.27 -1.55 -19.05
CA PHE D 73 -5.11 -2.37 -19.37
C PHE D 73 -5.43 -3.78 -19.84
N TYR D 74 -6.68 -4.16 -19.84
CA TYR D 74 -7.04 -5.51 -20.27
C TYR D 74 -6.71 -5.67 -21.75
N PRO D 75 -5.84 -6.63 -22.10
CA PRO D 75 -5.52 -6.81 -23.52
C PRO D 75 -6.70 -7.40 -24.30
N CYS D 76 -7.16 -6.69 -25.32
CA CYS D 76 -8.28 -7.17 -26.14
C CYS D 76 -8.42 -6.37 -27.44
N GLU D 77 -7.86 -6.88 -28.53
CA GLU D 77 -7.88 -6.21 -29.82
C GLU D 77 -8.77 -6.95 -30.80
N GLU D 78 -9.61 -6.19 -31.50
CA GLU D 78 -10.55 -6.74 -32.46
C GLU D 78 -11.84 -7.10 -31.74
N CYS D 79 -11.94 -6.71 -30.47
CA CYS D 79 -13.04 -7.15 -29.63
C CYS D 79 -14.29 -6.30 -29.83
N ALA D 80 -15.40 -6.98 -30.04
CA ALA D 80 -16.70 -6.33 -30.25
C ALA D 80 -16.97 -5.27 -29.20
N GLU D 81 -16.90 -5.67 -27.93
CA GLU D 81 -17.15 -4.75 -26.82
C GLU D 81 -15.86 -4.08 -26.33
N ASP D 82 -16.01 -2.93 -25.69
CA ASP D 82 -14.89 -2.30 -25.01
C ASP D 82 -15.35 -1.95 -23.62
N ILE D 83 -14.83 -2.66 -22.61
CA ILE D 83 -15.17 -2.34 -21.23
C ILE D 83 -14.70 -0.93 -20.91
N ARG D 84 -13.48 -0.61 -21.34
CA ARG D 84 -12.89 0.70 -21.06
C ARG D 84 -13.89 1.79 -21.40
N LYS D 85 -14.74 1.52 -22.39
CA LYS D 85 -15.85 2.41 -22.68
C LYS D 85 -17.10 1.97 -21.90
N ARG D 86 -17.42 0.68 -21.98
CA ARG D 86 -18.60 0.13 -21.33
C ARG D 86 -18.64 0.37 -19.82
N ILE D 87 -17.49 0.75 -19.24
CA ILE D 87 -17.39 1.01 -17.80
C ILE D 87 -17.87 2.41 -17.44
N ASP D 88 -17.55 3.37 -18.29
CA ASP D 88 -18.07 4.73 -18.14
C ASP D 88 -19.49 4.75 -18.70
N ARG D 89 -20.46 4.62 -17.80
CA ARG D 89 -21.87 4.54 -18.17
C ARG D 89 -22.65 4.08 -16.94
N SER D 90 -22.19 2.97 -16.36
CA SER D 90 -22.66 2.52 -15.04
C SER D 90 -21.45 2.24 -14.16
N GLN D 91 -20.95 3.28 -13.51
CA GLN D 91 -19.80 3.15 -12.63
C GLN D 91 -19.96 1.97 -11.67
N PRO D 92 -18.88 1.20 -11.47
CA PRO D 92 -18.91 -0.03 -10.67
C PRO D 92 -19.47 0.21 -9.27
N ASP D 93 -20.53 -0.53 -8.92
CA ASP D 93 -21.10 -0.45 -7.59
C ASP D 93 -20.31 -1.31 -6.62
N THR D 94 -19.35 -0.69 -5.95
CA THR D 94 -18.43 -1.40 -5.05
C THR D 94 -18.74 -1.21 -3.56
N SER D 95 -19.94 -0.73 -3.25
CA SER D 95 -20.31 -0.49 -1.85
C SER D 95 -20.30 -1.72 -0.95
N THR D 96 -20.67 -2.88 -1.48
CA THR D 96 -20.67 -4.10 -0.67
C THR D 96 -20.34 -5.35 -1.48
N ARG D 97 -19.94 -6.41 -0.79
CA ARG D 97 -19.76 -7.69 -1.46
C ARG D 97 -20.94 -7.98 -2.41
N VAL D 98 -22.16 -7.91 -1.90
CA VAL D 98 -23.34 -8.25 -2.70
C VAL D 98 -23.48 -7.37 -3.95
N SER D 99 -23.40 -6.06 -3.77
CA SER D 99 -23.60 -5.12 -4.84
C SER D 99 -22.51 -5.22 -5.90
N PHE D 100 -21.29 -5.60 -5.48
CA PHE D 100 -20.16 -5.74 -6.39
C PHE D 100 -20.27 -7.02 -7.20
N SER D 101 -20.61 -8.12 -6.52
CA SER D 101 -20.82 -9.40 -7.18
C SER D 101 -21.95 -9.33 -8.19
N GLN D 102 -23.03 -8.66 -7.82
CA GLN D 102 -24.17 -8.49 -8.70
C GLN D 102 -23.80 -7.57 -9.86
N TRP D 103 -23.06 -6.51 -9.55
CA TRP D 103 -22.67 -5.56 -10.58
C TRP D 103 -21.81 -6.22 -11.67
N LEU D 104 -20.86 -7.05 -11.25
CA LEU D 104 -19.96 -7.78 -12.17
C LEU D 104 -20.76 -8.79 -12.98
N CYS D 105 -21.69 -9.47 -12.33
CA CYS D 105 -22.51 -10.43 -13.03
C CYS D 105 -23.28 -9.77 -14.17
N ARG D 106 -23.77 -8.55 -13.93
CA ARG D 106 -24.58 -7.85 -14.93
C ARG D 106 -23.67 -7.40 -16.08
N LEU D 107 -22.50 -6.90 -15.73
CA LEU D 107 -21.54 -6.47 -16.73
C LEU D 107 -21.18 -7.67 -17.61
N HIS D 108 -20.95 -8.81 -16.97
CA HIS D 108 -20.57 -10.02 -17.68
C HIS D 108 -21.71 -10.43 -18.62
N ASN D 109 -22.96 -10.25 -18.17
CA ASN D 109 -24.10 -10.56 -19.02
C ASN D 109 -24.16 -9.66 -20.27
N GLU D 110 -23.80 -8.39 -20.14
CA GLU D 110 -23.68 -7.50 -21.30
C GLU D 110 -22.72 -8.09 -22.33
N VAL D 111 -21.53 -8.48 -21.87
CA VAL D 111 -20.53 -9.06 -22.76
C VAL D 111 -21.06 -10.35 -23.37
N ASN D 112 -21.72 -11.17 -22.56
CA ASN D 112 -22.31 -12.40 -23.05
C ASN D 112 -23.27 -12.13 -24.22
N ARG D 113 -24.09 -11.11 -24.06
CA ARG D 113 -25.08 -10.75 -25.06
C ARG D 113 -24.43 -10.27 -26.35
N LYS D 114 -23.36 -9.48 -26.24
CA LYS D 114 -22.57 -9.07 -27.41
C LYS D 114 -22.07 -10.25 -28.22
N LEU D 115 -21.90 -11.41 -27.58
CA LEU D 115 -21.21 -12.53 -28.20
C LEU D 115 -22.14 -13.72 -28.47
N GLY D 116 -23.44 -13.48 -28.36
CA GLY D 116 -24.41 -14.54 -28.60
C GLY D 116 -24.44 -15.61 -27.53
N LYS D 117 -23.70 -15.40 -26.45
CA LYS D 117 -23.74 -16.34 -25.35
C LYS D 117 -25.00 -16.08 -24.54
N PRO D 118 -25.49 -17.10 -23.84
CA PRO D 118 -26.69 -16.95 -23.00
C PRO D 118 -26.41 -16.20 -21.69
N ASP D 119 -27.47 -15.80 -21.01
CA ASP D 119 -27.36 -15.09 -19.75
C ASP D 119 -27.00 -16.05 -18.63
N PHE D 120 -26.27 -15.54 -17.66
CA PHE D 120 -26.07 -16.26 -16.41
C PHE D 120 -27.10 -15.71 -15.44
N ASP D 121 -27.72 -16.60 -14.69
CA ASP D 121 -28.69 -16.20 -13.67
C ASP D 121 -27.97 -15.62 -12.48
N CYS D 122 -27.96 -14.29 -12.37
CA CYS D 122 -27.17 -13.62 -11.35
C CYS D 122 -27.59 -13.93 -9.94
N SER D 123 -28.78 -14.51 -9.76
CA SER D 123 -29.20 -14.89 -8.41
C SER D 123 -28.50 -16.18 -7.93
N ARG D 124 -27.82 -16.88 -8.85
CA ARG D 124 -27.04 -18.07 -8.49
C ARG D 124 -25.54 -17.78 -8.52
N VAL D 125 -25.17 -16.51 -8.41
CA VAL D 125 -23.74 -16.15 -8.52
C VAL D 125 -22.91 -16.59 -7.29
N ASP D 126 -23.49 -16.50 -6.09
CA ASP D 126 -22.80 -16.92 -4.87
C ASP D 126 -22.56 -18.42 -4.93
N GLU D 127 -23.51 -19.17 -5.48
CA GLU D 127 -23.32 -20.60 -5.63
C GLU D 127 -22.21 -20.90 -6.63
N ARG D 128 -22.16 -20.12 -7.71
CA ARG D 128 -21.23 -20.39 -8.79
C ARG D 128 -19.78 -20.19 -8.36
N TRP D 129 -19.55 -19.11 -7.62
CA TRP D 129 -18.20 -18.64 -7.37
C TRP D 129 -17.75 -18.75 -5.93
N ARG D 130 -18.62 -19.23 -5.06
CA ARG D 130 -18.23 -19.41 -3.66
C ARG D 130 -18.84 -20.63 -2.95
N ASP D 131 -20.17 -20.72 -2.92
CA ASP D 131 -20.88 -21.71 -2.08
C ASP D 131 -20.82 -23.14 -2.59
N GLY D 132 -20.94 -23.31 -3.91
CA GLY D 132 -21.18 -24.61 -4.52
C GLY D 132 -22.67 -24.82 -4.63
N TRP D 133 -23.08 -25.57 -5.65
CA TRP D 133 -24.49 -25.79 -5.95
C TRP D 133 -25.30 -26.42 -4.82
N LYS D 134 -26.56 -26.02 -4.71
CA LYS D 134 -27.47 -26.53 -3.68
C LYS D 134 -27.50 -28.07 -3.66
N ASP D 135 -27.34 -28.67 -4.84
CA ASP D 135 -27.38 -30.13 -4.95
C ASP D 135 -26.03 -30.80 -4.68
N GLY D 136 -25.12 -30.04 -4.06
CA GLY D 136 -23.81 -30.55 -3.70
C GLY D 136 -23.05 -31.23 -4.84
N SER D 137 -23.28 -30.79 -6.07
CA SER D 137 -22.64 -31.40 -7.24
C SER D 137 -21.13 -31.17 -7.26
N CYS D 138 -20.64 -30.34 -6.34
CA CYS D 138 -19.21 -30.07 -6.21
C CYS D 138 -18.69 -30.60 -4.88
#